data_1QF8
#
_entry.id   1QF8
#
_cell.length_a   132.230
_cell.length_b   132.230
_cell.length_c   63.780
_cell.angle_alpha   90.00
_cell.angle_beta   90.00
_cell.angle_gamma   90.00
#
_symmetry.space_group_name_H-M   'P 42 21 2'
#
loop_
_entity.id
_entity.type
_entity.pdbx_description
1 polymer 'CASEIN KINASE II'
2 non-polymer 'ZINC ION'
3 non-polymer 'MAGNESIUM ION'
4 water water
#
_entity_poly.entity_id   1
_entity_poly.type   'polypeptide(L)'
_entity_poly.pdbx_seq_one_letter_code
;(MSE)SSSEEVSWISWFCGLRGNEFFCEVDEDYIQDKFNLTGLNEQVPHYRQALD(MSE)ILDLEPDEELEDNPNQSDLI
EQAAE(MSE)LYGLIHARYILTNRGIAQ(MSE)LEKYQQGDFGYCPRVYCENQP(MSE)LPIGLSDIPGEA(MSE)VKLY
CPKC(MSE)DVYTPKSSRHHHTDGAYFGTGFPH(MSE)LF(MSE)VHPEYRPKRPANQ
;
_entity_poly.pdbx_strand_id   A,B
#
loop_
_chem_comp.id
_chem_comp.type
_chem_comp.name
_chem_comp.formula
MG non-polymer 'MAGNESIUM ION' 'Mg 2'
ZN non-polymer 'ZINC ION' 'Zn 2'
#
# COMPACT_ATOMS: atom_id res chain seq x y z
N VAL A 7 24.33 -21.28 7.38
CA VAL A 7 24.22 -20.27 6.28
C VAL A 7 25.14 -19.09 6.60
N SER A 8 25.51 -18.31 5.59
CA SER A 8 26.38 -17.16 5.83
C SER A 8 25.56 -16.06 6.53
N TRP A 9 26.24 -15.20 7.30
CA TRP A 9 25.54 -14.14 8.00
C TRP A 9 24.80 -13.27 7.00
N ILE A 10 25.44 -12.98 5.86
CA ILE A 10 24.82 -12.15 4.84
C ILE A 10 23.55 -12.79 4.28
N SER A 11 23.61 -14.08 3.96
CA SER A 11 22.42 -14.75 3.43
C SER A 11 21.31 -14.76 4.49
N TRP A 12 21.69 -15.01 5.72
CA TRP A 12 20.76 -15.03 6.85
C TRP A 12 20.08 -13.67 7.02
N PHE A 13 20.88 -12.62 7.09
CA PHE A 13 20.35 -11.28 7.28
C PHE A 13 19.39 -10.90 6.17
N CYS A 14 19.79 -11.13 4.93
CA CYS A 14 18.96 -10.75 3.80
C CYS A 14 17.67 -11.55 3.71
N GLY A 15 17.64 -12.71 4.34
CA GLY A 15 16.43 -13.55 4.31
C GLY A 15 15.46 -13.30 5.44
N LEU A 16 15.81 -12.44 6.39
CA LEU A 16 14.92 -12.15 7.51
C LEU A 16 13.71 -11.35 7.07
N ARG A 17 12.60 -11.53 7.78
CA ARG A 17 11.38 -10.80 7.47
C ARG A 17 11.67 -9.31 7.60
N GLY A 18 11.29 -8.54 6.59
CA GLY A 18 11.52 -7.11 6.61
C GLY A 18 12.77 -6.66 5.89
N ASN A 19 13.65 -7.60 5.56
CA ASN A 19 14.88 -7.27 4.86
C ASN A 19 14.82 -7.66 3.40
N GLU A 20 13.61 -7.76 2.85
CA GLU A 20 13.44 -8.16 1.46
C GLU A 20 14.03 -7.22 0.42
N PHE A 21 14.25 -5.95 0.76
CA PHE A 21 14.79 -5.00 -0.22
C PHE A 21 16.32 -5.07 -0.36
N PHE A 22 16.99 -5.78 0.55
CA PHE A 22 18.45 -5.88 0.45
C PHE A 22 18.95 -6.93 -0.51
N CYS A 23 20.06 -6.63 -1.21
CA CYS A 23 20.68 -7.63 -2.06
C CYS A 23 21.83 -8.17 -1.19
N GLU A 24 22.34 -9.35 -1.54
CA GLU A 24 23.45 -9.94 -0.78
C GLU A 24 24.77 -9.42 -1.33
N VAL A 25 25.45 -8.61 -0.55
CA VAL A 25 26.75 -8.04 -0.98
C VAL A 25 27.82 -9.13 -1.08
N ASP A 26 28.51 -9.15 -2.23
CA ASP A 26 29.59 -10.10 -2.51
C ASP A 26 30.64 -9.87 -1.41
N GLU A 27 30.99 -10.91 -0.66
CA GLU A 27 31.98 -10.71 0.40
C GLU A 27 33.34 -10.28 -0.13
N ASP A 28 33.62 -10.55 -1.40
CA ASP A 28 34.89 -10.12 -1.99
C ASP A 28 34.95 -8.59 -2.01
N TYR A 29 33.80 -7.95 -2.21
CA TYR A 29 33.74 -6.50 -2.25
C TYR A 29 34.04 -5.96 -0.86
N ILE A 30 33.49 -6.62 0.15
CA ILE A 30 33.70 -6.21 1.54
C ILE A 30 35.15 -6.40 1.97
N GLN A 31 35.75 -7.51 1.53
CA GLN A 31 37.14 -7.81 1.88
C GLN A 31 38.18 -6.90 1.24
N ASP A 32 37.79 -6.15 0.21
CA ASP A 32 38.73 -5.19 -0.41
C ASP A 32 38.51 -3.98 0.50
N LYS A 33 39.38 -3.86 1.50
CA LYS A 33 39.26 -2.83 2.53
C LYS A 33 39.02 -1.42 2.06
N PHE A 34 39.61 -1.06 0.93
CA PHE A 34 39.40 0.28 0.41
C PHE A 34 37.91 0.62 0.20
N ASN A 35 37.10 -0.38 -0.15
CA ASN A 35 35.68 -0.13 -0.35
C ASN A 35 34.96 0.31 0.91
N LEU A 36 35.53 0.03 2.07
CA LEU A 36 34.90 0.39 3.33
C LEU A 36 35.48 1.67 3.93
N THR A 37 36.24 2.42 3.15
CA THR A 37 36.84 3.64 3.66
C THR A 37 35.86 4.54 4.39
N GLY A 38 36.27 4.99 5.58
CA GLY A 38 35.45 5.89 6.38
C GLY A 38 34.48 5.22 7.35
N LEU A 39 34.10 3.98 7.07
CA LEU A 39 33.12 3.30 7.93
C LEU A 39 33.71 2.96 9.29
N ASN A 40 35.04 2.93 9.38
CA ASN A 40 35.71 2.61 10.64
C ASN A 40 35.44 3.68 11.71
N GLU A 41 34.99 4.85 11.25
CA GLU A 41 34.68 5.97 12.14
C GLU A 41 33.19 6.28 12.16
N GLN A 42 32.36 5.43 11.54
CA GLN A 42 30.92 5.65 11.47
C GLN A 42 30.03 4.69 12.24
N VAL A 43 30.58 3.57 12.67
CA VAL A 43 29.77 2.60 13.40
C VAL A 43 30.45 2.14 14.68
N PRO A 44 29.68 1.62 15.64
CA PRO A 44 30.32 1.16 16.87
C PRO A 44 30.81 -0.26 16.62
N HIS A 45 31.76 -0.73 17.44
CA HIS A 45 32.28 -2.09 17.34
C HIS A 45 32.63 -2.50 15.92
N TYR A 46 33.35 -1.63 15.21
CA TYR A 46 33.68 -1.91 13.82
C TYR A 46 34.26 -3.29 13.56
N ARG A 47 35.28 -3.68 14.32
CA ARG A 47 35.92 -4.98 14.11
C ARG A 47 35.00 -6.15 14.37
N GLN A 48 34.33 -6.17 15.52
CA GLN A 48 33.44 -7.27 15.84
C GLN A 48 32.24 -7.33 14.90
N ALA A 49 31.75 -6.17 14.47
CA ALA A 49 30.61 -6.15 13.53
C ALA A 49 31.04 -6.70 12.18
N LEU A 50 32.22 -6.26 11.70
CA LEU A 50 32.71 -6.73 10.41
C LEU A 50 33.01 -8.24 10.46
N ASP A 51 33.61 -8.70 11.57
CA ASP A 51 33.89 -10.13 11.70
C ASP A 51 32.57 -10.92 11.59
N MSE A 52 31.52 -10.40 12.23
CA MSE A 52 30.22 -11.08 12.20
C MSE A 52 29.67 -11.15 10.78
O MSE A 52 29.22 -12.20 10.32
CB MSE A 52 29.22 -10.35 13.14
CG MSE A 52 27.81 -10.93 13.21
SE MSE A 52 26.83 -10.19 14.61
CE MSE A 52 27.82 -10.67 15.91
N ILE A 53 29.76 -10.05 10.06
CA ILE A 53 29.26 -9.95 8.69
C ILE A 53 29.98 -10.93 7.77
N LEU A 54 31.27 -11.11 8.03
CA LEU A 54 32.10 -11.98 7.21
C LEU A 54 32.25 -13.41 7.74
N ASP A 55 31.43 -13.76 8.74
CA ASP A 55 31.47 -15.10 9.29
C ASP A 55 32.85 -15.46 9.85
N LEU A 56 33.56 -14.49 10.42
CA LEU A 56 34.88 -14.76 10.98
C LEU A 56 34.72 -15.10 12.46
N GLU A 57 35.58 -16.00 12.95
CA GLU A 57 35.50 -16.41 14.35
C GLU A 57 35.57 -15.25 15.33
N PRO A 58 34.52 -15.10 16.15
CA PRO A 58 34.47 -14.01 17.13
C PRO A 58 35.74 -13.96 17.97
N ASP A 59 36.62 -13.05 17.59
CA ASP A 59 37.90 -12.86 18.30
C ASP A 59 37.63 -12.30 19.71
N PRO A 66 24.81 -12.51 25.21
CA PRO A 66 25.30 -11.55 26.24
C PRO A 66 24.84 -10.12 25.95
N ASN A 67 25.15 -9.23 26.89
CA ASN A 67 24.80 -7.81 26.76
C ASN A 67 25.49 -7.18 25.56
N GLN A 68 26.78 -7.46 25.42
CA GLN A 68 27.58 -6.95 24.32
C GLN A 68 27.17 -7.55 22.99
N SER A 69 26.80 -8.83 23.00
CA SER A 69 26.39 -9.51 21.77
C SER A 69 25.27 -8.78 21.06
N ASP A 70 24.33 -8.24 21.83
CA ASP A 70 23.20 -7.51 21.24
C ASP A 70 23.70 -6.23 20.58
N LEU A 71 24.59 -5.53 21.25
CA LEU A 71 25.14 -4.29 20.69
C LEU A 71 25.96 -4.59 19.44
N ILE A 72 26.67 -5.71 19.43
CA ILE A 72 27.48 -6.06 18.26
C ILE A 72 26.56 -6.42 17.08
N GLU A 73 25.46 -7.13 17.38
CA GLU A 73 24.52 -7.49 16.33
C GLU A 73 23.90 -6.24 15.72
N GLN A 74 23.61 -5.25 16.56
CA GLN A 74 23.02 -4.02 16.07
C GLN A 74 24.03 -3.30 15.19
N ALA A 75 25.28 -3.30 15.66
CA ALA A 75 26.39 -2.68 14.91
C ALA A 75 26.56 -3.37 13.55
N ALA A 76 26.46 -4.70 13.53
CA ALA A 76 26.59 -5.43 12.26
C ALA A 76 25.50 -5.05 11.27
N GLU A 77 24.28 -4.88 11.75
CA GLU A 77 23.18 -4.48 10.89
C GLU A 77 23.44 -3.10 10.31
N MSE A 78 23.95 -2.18 11.13
CA MSE A 78 24.23 -0.83 10.67
C MSE A 78 25.38 -0.83 9.66
O MSE A 78 25.27 -0.20 8.60
CB MSE A 78 24.58 0.08 11.85
CG MSE A 78 24.92 1.50 11.43
SE MSE A 78 25.27 2.61 12.86
CE MSE A 78 25.49 4.17 11.98
N LEU A 79 26.46 -1.53 9.97
CA LEU A 79 27.60 -1.58 9.05
C LEU A 79 27.20 -2.23 7.71
N TYR A 80 26.44 -3.32 7.76
CA TYR A 80 26.02 -3.96 6.52
C TYR A 80 25.19 -2.98 5.70
N GLY A 81 24.29 -2.27 6.37
CA GLY A 81 23.45 -1.30 5.67
C GLY A 81 24.27 -0.23 4.98
N LEU A 82 25.30 0.28 5.66
CA LEU A 82 26.12 1.32 5.07
C LEU A 82 26.94 0.77 3.91
N ILE A 83 27.41 -0.47 4.04
CA ILE A 83 28.15 -1.10 2.95
C ILE A 83 27.21 -1.29 1.76
N HIS A 84 25.99 -1.71 2.06
CA HIS A 84 24.99 -1.96 1.02
C HIS A 84 24.72 -0.71 0.18
N ALA A 85 24.60 0.44 0.83
CA ALA A 85 24.33 1.68 0.11
C ALA A 85 25.44 1.99 -0.89
N ARG A 86 26.68 1.67 -0.53
CA ARG A 86 27.76 1.90 -1.48
C ARG A 86 27.77 0.86 -2.59
N TYR A 87 27.55 -0.39 -2.20
CA TYR A 87 27.58 -1.52 -3.13
C TYR A 87 26.58 -1.39 -4.26
N ILE A 88 25.38 -0.90 -3.96
CA ILE A 88 24.38 -0.81 -5.01
C ILE A 88 24.59 0.33 -6.00
N LEU A 89 25.71 1.05 -5.85
CA LEU A 89 26.06 2.10 -6.82
C LEU A 89 27.19 1.54 -7.70
N THR A 90 27.53 0.27 -7.51
CA THR A 90 28.58 -0.37 -8.31
C THR A 90 27.98 -1.42 -9.22
N ASN A 91 28.74 -1.87 -10.21
CA ASN A 91 28.22 -2.86 -11.16
C ASN A 91 27.51 -4.07 -10.59
N ARG A 92 28.12 -4.78 -9.65
CA ARG A 92 27.48 -5.95 -9.06
C ARG A 92 26.20 -5.61 -8.33
N GLY A 93 26.23 -4.55 -7.52
CA GLY A 93 25.08 -4.15 -6.74
C GLY A 93 23.90 -3.81 -7.64
N ILE A 94 24.18 -3.00 -8.64
CA ILE A 94 23.14 -2.58 -9.59
C ILE A 94 22.53 -3.76 -10.30
N ALA A 95 23.36 -4.71 -10.72
CA ALA A 95 22.88 -5.91 -11.41
C ALA A 95 22.01 -6.74 -10.50
N GLN A 96 22.43 -6.92 -9.25
CA GLN A 96 21.63 -7.71 -8.33
C GLN A 96 20.29 -7.03 -8.01
N MSE A 97 20.31 -5.72 -7.82
CA MSE A 97 19.07 -5.02 -7.51
C MSE A 97 18.16 -5.03 -8.75
O MSE A 97 16.93 -5.05 -8.63
CB MSE A 97 19.33 -3.59 -7.06
CG MSE A 97 20.04 -3.46 -5.67
SE MSE A 97 19.18 -4.11 -4.21
CE MSE A 97 18.21 -2.61 -3.74
N LEU A 98 18.76 -5.02 -9.94
CA LEU A 98 17.98 -5.05 -11.17
C LEU A 98 17.23 -6.38 -11.28
N GLU A 99 17.87 -7.47 -10.86
CA GLU A 99 17.21 -8.78 -10.89
C GLU A 99 16.07 -8.81 -9.87
N LYS A 100 16.28 -8.23 -8.69
CA LYS A 100 15.24 -8.19 -7.67
C LYS A 100 14.07 -7.37 -8.20
N TYR A 101 14.40 -6.30 -8.92
CA TYR A 101 13.42 -5.38 -9.50
C TYR A 101 12.56 -6.12 -10.52
N GLN A 102 13.19 -6.94 -11.35
CA GLN A 102 12.49 -7.71 -12.38
C GLN A 102 11.58 -8.75 -11.74
N GLN A 103 11.89 -9.15 -10.51
CA GLN A 103 11.08 -10.14 -9.81
C GLN A 103 10.02 -9.44 -8.95
N GLY A 104 10.07 -8.11 -8.89
CA GLY A 104 9.12 -7.35 -8.09
C GLY A 104 9.33 -7.39 -6.58
N ASP A 105 10.56 -7.68 -6.14
CA ASP A 105 10.85 -7.77 -4.71
C ASP A 105 10.54 -6.50 -3.91
N PHE A 106 10.58 -5.35 -4.56
CA PHE A 106 10.33 -4.08 -3.87
C PHE A 106 8.88 -3.64 -3.94
N GLY A 107 8.05 -4.42 -4.60
CA GLY A 107 6.65 -4.06 -4.70
C GLY A 107 6.31 -3.32 -5.98
N TYR A 108 5.03 -2.98 -6.13
CA TYR A 108 4.57 -2.31 -7.34
C TYR A 108 3.84 -1.01 -7.03
N CYS A 109 3.90 -0.06 -7.97
CA CYS A 109 3.26 1.22 -7.75
C CYS A 109 1.77 1.09 -7.44
N PRO A 110 1.29 1.80 -6.41
CA PRO A 110 -0.13 1.72 -6.05
C PRO A 110 -1.04 2.56 -6.95
N ARG A 111 -0.47 3.43 -7.77
CA ARG A 111 -1.29 4.26 -8.67
C ARG A 111 -1.99 3.36 -9.66
N VAL A 112 -3.31 3.49 -9.76
CA VAL A 112 -4.04 2.65 -10.69
C VAL A 112 -3.47 2.73 -12.10
N TYR A 113 -3.19 3.94 -12.56
CA TYR A 113 -2.70 4.12 -13.92
C TYR A 113 -1.24 3.81 -14.19
N CYS A 114 -0.52 3.34 -13.18
CA CYS A 114 0.88 2.96 -13.40
C CYS A 114 0.88 1.47 -13.68
N GLU A 115 -0.30 0.87 -13.59
CA GLU A 115 -0.51 -0.55 -13.87
C GLU A 115 0.52 -1.51 -13.28
N ASN A 116 0.67 -1.45 -11.96
CA ASN A 116 1.59 -2.30 -11.23
C ASN A 116 3.05 -2.25 -11.68
N GLN A 117 3.50 -1.08 -12.08
CA GLN A 117 4.89 -0.88 -12.47
C GLN A 117 5.75 -1.24 -11.26
N PRO A 118 6.80 -2.07 -11.45
CA PRO A 118 7.60 -2.40 -10.26
C PRO A 118 8.35 -1.15 -9.78
N MSE A 119 8.61 -1.05 -8.48
CA MSE A 119 9.32 0.12 -7.95
C MSE A 119 10.73 -0.26 -7.50
O MSE A 119 11.10 -1.43 -7.53
CB MSE A 119 8.54 0.75 -6.78
CG MSE A 119 7.15 1.28 -7.17
SE MSE A 119 6.33 2.32 -5.88
CE MSE A 119 5.92 1.18 -4.83
N LEU A 120 11.50 0.74 -7.08
CA LEU A 120 12.88 0.55 -6.59
C LEU A 120 12.98 1.26 -5.25
N PRO A 121 13.78 0.73 -4.32
CA PRO A 121 13.90 1.39 -3.01
C PRO A 121 14.72 2.67 -3.14
N ILE A 122 14.43 3.65 -2.30
CA ILE A 122 15.17 4.91 -2.35
C ILE A 122 15.19 5.54 -0.97
N GLY A 123 16.26 6.27 -0.67
CA GLY A 123 16.34 6.93 0.62
C GLY A 123 16.07 8.42 0.44
N LEU A 124 15.36 9.00 1.41
CA LEU A 124 15.07 10.44 1.38
C LEU A 124 16.30 11.14 1.94
N SER A 125 17.16 10.37 2.61
CA SER A 125 18.37 10.92 3.22
C SER A 125 19.48 9.89 3.17
N ASP A 126 20.72 10.37 3.19
CA ASP A 126 21.87 9.46 3.19
C ASP A 126 22.42 9.35 4.60
N ILE A 127 21.81 10.09 5.53
CA ILE A 127 22.23 10.07 6.93
C ILE A 127 21.38 9.06 7.70
N PRO A 128 22.00 8.05 8.33
CA PRO A 128 21.22 7.06 9.09
C PRO A 128 20.41 7.74 10.19
N GLY A 129 19.21 7.23 10.44
CA GLY A 129 18.37 7.78 11.49
C GLY A 129 17.52 8.97 11.10
N GLU A 130 17.48 9.31 9.82
CA GLU A 130 16.66 10.44 9.40
C GLU A 130 15.33 10.06 8.75
N ALA A 131 15.30 8.95 8.02
CA ALA A 131 14.06 8.54 7.35
C ALA A 131 14.10 7.06 7.01
N MSE A 132 12.95 6.41 7.03
CA MSE A 132 12.91 5.00 6.69
C MSE A 132 12.81 4.88 5.16
O MSE A 132 12.41 5.82 4.47
CB MSE A 132 11.75 4.30 7.41
CG MSE A 132 11.88 4.36 8.96
SE MSE A 132 13.39 3.55 9.65
CE MSE A 132 14.57 4.94 9.61
N VAL A 133 13.20 3.72 4.63
CA VAL A 133 13.24 3.50 3.20
C VAL A 133 11.90 3.74 2.50
N LYS A 134 11.97 4.41 1.35
CA LYS A 134 10.76 4.67 0.55
C LYS A 134 10.89 3.96 -0.79
N LEU A 135 9.84 4.03 -1.61
CA LEU A 135 9.85 3.35 -2.90
C LEU A 135 9.62 4.34 -4.03
N TYR A 136 10.45 4.25 -5.07
CA TYR A 136 10.39 5.12 -6.22
C TYR A 136 9.79 4.41 -7.44
N CYS A 137 8.76 4.99 -8.05
CA CYS A 137 8.15 4.42 -9.25
C CYS A 137 8.74 5.14 -10.45
N PRO A 138 9.41 4.42 -11.35
CA PRO A 138 10.02 5.00 -12.55
C PRO A 138 8.99 5.57 -13.53
N LYS A 139 7.75 5.12 -13.43
CA LYS A 139 6.71 5.60 -14.34
C LYS A 139 6.11 6.95 -13.97
N CYS A 140 5.56 7.06 -12.76
CA CYS A 140 4.99 8.33 -12.33
C CYS A 140 6.08 9.21 -11.70
N MSE A 141 7.24 8.60 -11.49
CA MSE A 141 8.39 9.31 -10.92
C MSE A 141 8.14 9.88 -9.52
O MSE A 141 8.73 10.90 -9.15
CB MSE A 141 8.86 10.40 -11.89
CG MSE A 141 9.40 9.85 -13.23
SE MSE A 141 9.94 11.12 -14.43
CE MSE A 141 11.54 11.57 -13.74
N ASP A 142 7.28 9.24 -8.75
CA ASP A 142 7.04 9.71 -7.40
C ASP A 142 7.52 8.71 -6.36
N VAL A 143 7.62 9.15 -5.12
CA VAL A 143 8.08 8.31 -4.02
C VAL A 143 6.94 7.93 -3.09
N TYR A 144 6.92 6.65 -2.69
CA TYR A 144 5.86 6.13 -1.83
C TYR A 144 6.31 5.41 -0.57
N THR A 145 5.41 5.36 0.40
CA THR A 145 5.68 4.66 1.65
C THR A 145 5.33 3.19 1.43
N PRO A 146 6.22 2.27 1.84
CA PRO A 146 5.98 0.83 1.69
C PRO A 146 4.62 0.45 2.29
N LYS A 147 3.85 -0.35 1.57
CA LYS A 147 2.54 -0.75 2.05
C LYS A 147 2.59 -1.68 3.25
N SER A 148 3.69 -2.43 3.39
CA SER A 148 3.80 -3.34 4.51
C SER A 148 4.61 -2.78 5.68
N SER A 149 4.05 -2.86 6.88
CA SER A 149 4.71 -2.35 8.06
C SER A 149 6.02 -3.09 8.33
N ARG A 150 6.19 -4.27 7.74
CA ARG A 150 7.43 -5.01 7.97
C ARG A 150 8.63 -4.21 7.44
N HIS A 151 8.37 -3.25 6.56
CA HIS A 151 9.44 -2.43 6.00
C HIS A 151 9.60 -1.06 6.64
N HIS A 152 8.76 -0.75 7.63
CA HIS A 152 8.80 0.55 8.27
C HIS A 152 9.91 0.81 9.29
N HIS A 153 10.82 -0.14 9.46
CA HIS A 153 11.94 0.08 10.38
C HIS A 153 13.26 -0.15 9.67
N THR A 154 13.22 -0.06 8.34
CA THR A 154 14.41 -0.23 7.50
C THR A 154 14.88 1.16 7.08
N ASP A 155 16.10 1.50 7.49
CA ASP A 155 16.66 2.81 7.21
C ASP A 155 16.93 3.09 5.74
N GLY A 156 16.41 4.21 5.25
CA GLY A 156 16.61 4.56 3.86
C GLY A 156 18.05 4.88 3.50
N ALA A 157 18.85 5.22 4.49
CA ALA A 157 20.25 5.54 4.22
C ALA A 157 21.02 4.29 3.78
N TYR A 158 20.41 3.13 3.93
CA TYR A 158 21.07 1.89 3.50
C TYR A 158 20.80 1.63 2.02
N PHE A 159 20.01 2.51 1.40
CA PHE A 159 19.70 2.42 -0.02
C PHE A 159 20.18 3.68 -0.71
N GLY A 160 19.95 4.83 -0.07
CA GLY A 160 20.48 6.06 -0.63
C GLY A 160 19.60 6.90 -1.52
N THR A 161 19.96 8.19 -1.59
CA THR A 161 19.21 9.15 -2.38
C THR A 161 19.46 9.04 -3.88
N GLY A 162 20.59 8.47 -4.27
CA GLY A 162 20.88 8.39 -5.70
C GLY A 162 20.83 7.03 -6.35
N PHE A 163 20.38 6.02 -5.63
CA PHE A 163 20.37 4.68 -6.20
C PHE A 163 19.50 4.46 -7.45
N PRO A 164 18.21 4.78 -7.39
CA PRO A 164 17.41 4.55 -8.60
C PRO A 164 17.96 5.26 -9.84
N HIS A 165 18.41 6.49 -9.65
CA HIS A 165 18.94 7.25 -10.76
C HIS A 165 20.22 6.63 -11.34
N MSE A 166 21.04 6.03 -10.50
CA MSE A 166 22.24 5.38 -10.99
C MSE A 166 21.86 4.13 -11.77
O MSE A 166 22.42 3.85 -12.83
CB MSE A 166 23.19 5.00 -9.84
CG MSE A 166 24.44 4.24 -10.30
SE MSE A 166 25.64 5.26 -11.25
CE MSE A 166 26.62 5.94 -9.92
N LEU A 167 20.89 3.37 -11.26
CA LEU A 167 20.48 2.14 -11.94
C LEU A 167 19.97 2.43 -13.35
N PHE A 168 19.20 3.51 -13.52
CA PHE A 168 18.69 3.83 -14.83
C PHE A 168 19.74 4.43 -15.76
N MSE A 169 20.78 5.02 -15.19
CA MSE A 169 21.85 5.59 -16.02
C MSE A 169 22.66 4.42 -16.61
O MSE A 169 23.15 4.51 -17.74
CB MSE A 169 22.77 6.49 -15.20
CB MSE A 169 22.76 6.47 -15.13
CG MSE A 169 22.10 7.74 -14.61
CG MSE A 169 22.18 7.85 -14.83
SE MSE A 169 23.21 9.18 -14.51
SE MSE A 169 21.97 8.87 -16.30
CE MSE A 169 24.67 8.47 -13.74
CE MSE A 169 23.68 8.96 -16.89
N VAL A 170 22.77 3.35 -15.85
CA VAL A 170 23.50 2.16 -16.29
C VAL A 170 22.64 1.25 -17.15
N HIS A 171 21.34 1.28 -16.91
CA HIS A 171 20.41 0.42 -17.65
C HIS A 171 19.24 1.26 -18.16
N PRO A 172 19.52 2.27 -19.00
CA PRO A 172 18.54 3.19 -19.59
C PRO A 172 17.37 2.51 -20.27
N GLU A 173 17.59 1.30 -20.77
CA GLU A 173 16.53 0.58 -21.46
C GLU A 173 15.39 0.13 -20.56
N TYR A 174 15.58 0.22 -19.24
CA TYR A 174 14.52 -0.17 -18.30
C TYR A 174 13.69 1.05 -17.93
N ARG A 175 14.13 2.21 -18.37
CA ARG A 175 13.43 3.45 -18.12
C ARG A 175 12.04 3.30 -18.74
N PRO A 176 10.97 3.49 -17.96
CA PRO A 176 9.60 3.37 -18.46
C PRO A 176 9.39 3.97 -19.83
N LYS A 177 8.53 3.32 -20.60
CA LYS A 177 8.22 3.73 -21.97
C LYS A 177 7.30 4.94 -21.98
N ARG A 178 7.52 5.87 -21.05
CA ARG A 178 6.72 7.08 -20.96
C ARG A 178 7.59 8.34 -20.97
N PRO A 179 8.55 8.43 -21.91
CA PRO A 179 9.40 9.63 -21.96
C PRO A 179 8.64 10.85 -22.45
N GLU B 6 -29.98 -10.88 18.10
CA GLU B 6 -30.00 -10.83 16.64
C GLU B 6 -29.45 -9.48 16.15
N VAL B 7 -28.61 -9.53 15.12
CA VAL B 7 -28.03 -8.31 14.57
C VAL B 7 -28.72 -8.04 13.23
N SER B 8 -28.88 -6.76 12.87
CA SER B 8 -29.53 -6.42 11.61
C SER B 8 -28.69 -6.89 10.43
N TRP B 9 -29.35 -7.20 9.32
CA TRP B 9 -28.63 -7.66 8.13
C TRP B 9 -27.60 -6.61 7.71
N ILE B 10 -28.00 -5.34 7.75
CA ILE B 10 -27.10 -4.27 7.36
C ILE B 10 -25.88 -4.17 8.28
N SER B 11 -26.07 -4.24 9.59
CA SER B 11 -24.91 -4.18 10.49
C SER B 11 -24.04 -5.41 10.29
N TRP B 12 -24.68 -6.55 10.06
CA TRP B 12 -23.94 -7.80 9.82
C TRP B 12 -23.10 -7.65 8.55
N PHE B 13 -23.73 -7.23 7.47
CA PHE B 13 -23.04 -7.06 6.20
C PHE B 13 -21.85 -6.10 6.28
N CYS B 14 -22.08 -4.92 6.85
CA CYS B 14 -21.03 -3.92 6.94
C CYS B 14 -19.88 -4.30 7.87
N GLY B 15 -20.14 -5.25 8.77
CA GLY B 15 -19.11 -5.68 9.70
C GLY B 15 -18.24 -6.81 9.20
N LEU B 16 -18.56 -7.34 8.02
CA LEU B 16 -17.79 -8.44 7.45
C LEU B 16 -16.41 -8.02 6.97
N ARG B 17 -15.45 -8.94 7.07
CA ARG B 17 -14.10 -8.66 6.62
C ARG B 17 -14.16 -8.28 5.14
N GLY B 18 -13.57 -7.14 4.81
CA GLY B 18 -13.55 -6.68 3.43
C GLY B 18 -14.62 -5.65 3.10
N ASN B 19 -15.59 -5.49 3.99
CA ASN B 19 -16.66 -4.53 3.75
C ASN B 19 -16.50 -3.27 4.58
N GLU B 20 -15.27 -3.01 5.00
CA GLU B 20 -14.96 -1.85 5.85
C GLU B 20 -15.26 -0.49 5.23
N PHE B 21 -15.32 -0.41 3.90
CA PHE B 21 -15.57 0.87 3.23
C PHE B 21 -17.05 1.25 3.20
N PHE B 22 -17.93 0.30 3.50
CA PHE B 22 -19.36 0.61 3.48
C PHE B 22 -19.85 1.30 4.73
N CYS B 23 -20.80 2.21 4.56
CA CYS B 23 -21.42 2.84 5.71
C CYS B 23 -22.74 2.08 5.83
N GLU B 24 -23.40 2.19 6.99
CA GLU B 24 -24.67 1.51 7.23
C GLU B 24 -25.85 2.38 6.80
N VAL B 25 -26.49 1.98 5.71
CA VAL B 25 -27.63 2.73 5.18
C VAL B 25 -28.79 2.70 6.16
N ASP B 26 -29.33 3.88 6.48
CA ASP B 26 -30.47 3.99 7.40
C ASP B 26 -31.68 3.26 6.82
N GLU B 27 -32.36 2.51 7.66
CA GLU B 27 -33.53 1.78 7.20
C GLU B 27 -34.60 2.64 6.56
N ASP B 28 -34.88 3.81 7.15
CA ASP B 28 -35.90 4.69 6.61
C ASP B 28 -35.66 5.10 5.17
N TYR B 29 -34.39 5.15 4.78
CA TYR B 29 -34.03 5.54 3.42
C TYR B 29 -34.49 4.41 2.50
N ILE B 30 -34.22 3.19 2.93
CA ILE B 30 -34.57 2.02 2.14
C ILE B 30 -36.07 1.78 2.13
N GLN B 31 -36.74 2.14 3.23
CA GLN B 31 -38.19 1.94 3.33
C GLN B 31 -38.98 2.92 2.47
N ASP B 32 -38.33 3.97 1.98
CA ASP B 32 -38.98 4.95 1.11
C ASP B 32 -38.74 4.47 -0.32
N LYS B 33 -39.73 3.78 -0.87
CA LYS B 33 -39.65 3.22 -2.20
C LYS B 33 -39.18 4.19 -3.27
N PHE B 34 -39.43 5.48 -3.07
CA PHE B 34 -39.04 6.46 -4.07
C PHE B 34 -37.52 6.60 -4.20
N ASN B 35 -36.78 6.21 -3.16
CA ASN B 35 -35.32 6.28 -3.21
C ASN B 35 -34.75 5.12 -3.99
N LEU B 36 -35.53 4.05 -4.11
CA LEU B 36 -35.09 2.82 -4.79
C LEU B 36 -35.57 2.68 -6.23
N THR B 37 -36.20 3.72 -6.76
CA THR B 37 -36.70 3.72 -8.12
C THR B 37 -35.70 3.17 -9.15
N GLY B 38 -36.15 2.20 -9.93
CA GLY B 38 -35.30 1.62 -10.97
C GLY B 38 -34.42 0.44 -10.59
N LEU B 39 -34.19 0.23 -9.31
CA LEU B 39 -33.32 -0.88 -8.89
C LEU B 39 -33.89 -2.27 -9.15
N ASN B 40 -35.22 -2.38 -9.16
CA ASN B 40 -35.85 -3.69 -9.36
C ASN B 40 -35.41 -4.35 -10.67
N GLU B 41 -35.06 -3.55 -11.67
CA GLU B 41 -34.64 -4.07 -12.97
C GLU B 41 -33.13 -4.30 -13.08
N GLN B 42 -32.40 -4.02 -12.01
CA GLN B 42 -30.96 -4.16 -12.01
C GLN B 42 -30.41 -5.33 -11.22
N VAL B 43 -31.27 -6.03 -10.48
CA VAL B 43 -30.81 -7.16 -9.67
C VAL B 43 -31.82 -8.29 -9.71
N PRO B 44 -31.36 -9.53 -9.49
CA PRO B 44 -32.30 -10.66 -9.51
C PRO B 44 -33.00 -10.74 -8.16
N HIS B 45 -34.14 -11.43 -8.11
CA HIS B 45 -34.91 -11.62 -6.87
C HIS B 45 -35.04 -10.34 -6.07
N TYR B 46 -35.39 -9.24 -6.73
CA TYR B 46 -35.46 -7.96 -6.04
C TYR B 46 -36.27 -7.94 -4.74
N ARG B 47 -37.52 -8.38 -4.78
CA ARG B 47 -38.35 -8.34 -3.58
C ARG B 47 -37.80 -9.14 -2.42
N GLN B 48 -37.30 -10.35 -2.68
CA GLN B 48 -36.76 -11.17 -1.61
C GLN B 48 -35.43 -10.62 -1.10
N ALA B 49 -34.64 -10.03 -1.99
CA ALA B 49 -33.36 -9.43 -1.60
C ALA B 49 -33.65 -8.23 -0.68
N LEU B 50 -34.63 -7.42 -1.07
CA LEU B 50 -34.98 -6.23 -0.28
C LEU B 50 -35.52 -6.66 1.10
N ASP B 51 -36.36 -7.70 1.12
CA ASP B 51 -36.90 -8.19 2.39
C ASP B 51 -35.76 -8.62 3.30
N MSE B 52 -34.74 -9.26 2.71
CA MSE B 52 -33.60 -9.74 3.47
C MSE B 52 -32.80 -8.58 4.06
O MSE B 52 -32.42 -8.61 5.23
CB MSE B 52 -32.70 -10.61 2.59
CG MSE B 52 -31.49 -11.23 3.30
SE MSE B 52 -30.56 -12.46 2.27
CE MSE B 52 -31.78 -13.76 2.15
N ILE B 53 -32.56 -7.56 3.24
CA ILE B 53 -31.80 -6.40 3.70
C ILE B 53 -32.53 -5.69 4.83
N LEU B 54 -33.85 -5.72 4.78
CA LEU B 54 -34.68 -5.07 5.80
C LEU B 54 -35.10 -5.96 6.96
N ASP B 55 -34.51 -7.15 7.04
CA ASP B 55 -34.81 -8.10 8.11
C ASP B 55 -36.29 -8.48 8.14
N LEU B 56 -36.93 -8.49 6.98
CA LEU B 56 -38.34 -8.84 6.90
C LEU B 56 -38.49 -10.35 6.71
N GLU B 57 -39.57 -10.90 7.24
CA GLU B 57 -39.85 -12.32 7.15
C GLU B 57 -39.97 -12.81 5.70
N PRO B 58 -39.21 -13.86 5.34
CA PRO B 58 -39.20 -14.46 4.00
C PRO B 58 -40.60 -14.86 3.53
N ASN B 67 -30.08 -23.36 -2.39
CA ASN B 67 -29.37 -22.77 -3.58
C ASN B 67 -30.10 -21.46 -3.85
N GLN B 68 -31.43 -21.54 -3.79
CA GLN B 68 -32.24 -20.36 -3.99
C GLN B 68 -31.90 -19.36 -2.93
N SER B 69 -31.68 -19.87 -1.73
CA SER B 69 -31.36 -19.03 -0.60
C SER B 69 -30.04 -18.34 -0.91
N ASP B 70 -29.08 -19.14 -1.38
CA ASP B 70 -27.76 -18.63 -1.72
C ASP B 70 -27.84 -17.56 -2.81
N LEU B 71 -28.68 -17.78 -3.82
CA LEU B 71 -28.82 -16.80 -4.89
C LEU B 71 -29.46 -15.51 -4.37
N ILE B 72 -30.38 -15.65 -3.42
CA ILE B 72 -31.03 -14.47 -2.86
C ILE B 72 -30.02 -13.70 -2.00
N GLU B 73 -29.17 -14.44 -1.29
CA GLU B 73 -28.15 -13.81 -0.47
C GLU B 73 -27.21 -12.99 -1.34
N GLN B 74 -26.88 -13.52 -2.52
CA GLN B 74 -26.00 -12.83 -3.43
C GLN B 74 -26.73 -11.60 -4.00
N ALA B 75 -28.02 -11.72 -4.26
CA ALA B 75 -28.80 -10.61 -4.78
C ALA B 75 -28.85 -9.50 -3.73
N ALA B 76 -29.05 -9.86 -2.47
CA ALA B 76 -29.09 -8.86 -1.41
C ALA B 76 -27.79 -8.07 -1.33
N GLU B 77 -26.66 -8.75 -1.48
CA GLU B 77 -25.36 -8.06 -1.45
C GLU B 77 -25.27 -7.04 -2.59
N MSE B 78 -25.72 -7.44 -3.78
CA MSE B 78 -25.68 -6.56 -4.95
C MSE B 78 -26.64 -5.39 -4.76
O MSE B 78 -26.27 -4.23 -5.00
CB MSE B 78 -26.05 -7.35 -6.22
CG MSE B 78 -26.02 -6.53 -7.47
SE MSE B 78 -26.38 -7.48 -9.01
CE MSE B 78 -26.14 -6.16 -10.26
N LEU B 79 -27.86 -5.69 -4.32
CA LEU B 79 -28.84 -4.63 -4.13
C LEU B 79 -28.39 -3.62 -3.06
N TYR B 80 -27.81 -4.11 -1.97
CA TYR B 80 -27.34 -3.19 -0.92
C TYR B 80 -26.25 -2.30 -1.53
N GLY B 81 -25.39 -2.92 -2.35
CA GLY B 81 -24.33 -2.16 -2.98
C GLY B 81 -24.86 -1.04 -3.85
N LEU B 82 -25.88 -1.32 -4.66
CA LEU B 82 -26.46 -0.30 -5.52
C LEU B 82 -27.19 0.76 -4.71
N ILE B 83 -27.83 0.36 -3.61
CA ILE B 83 -28.51 1.32 -2.75
C ILE B 83 -27.46 2.22 -2.12
N HIS B 84 -26.37 1.61 -1.68
CA HIS B 84 -25.29 2.34 -1.03
C HIS B 84 -24.74 3.45 -1.94
N ALA B 85 -24.57 3.14 -3.23
CA ALA B 85 -24.03 4.14 -4.16
C ALA B 85 -24.92 5.37 -4.25
N ARG B 86 -26.24 5.19 -4.16
CA ARG B 86 -27.14 6.34 -4.22
C ARG B 86 -27.15 7.07 -2.88
N TYR B 87 -27.13 6.29 -1.82
CA TYR B 87 -27.20 6.82 -0.47
C TYR B 87 -26.05 7.73 -0.12
N ILE B 88 -24.85 7.39 -0.59
CA ILE B 88 -23.73 8.23 -0.22
C ILE B 88 -23.62 9.53 -0.99
N LEU B 89 -24.62 9.83 -1.82
CA LEU B 89 -24.68 11.12 -2.51
C LEU B 89 -25.69 12.03 -1.78
N THR B 90 -26.36 11.48 -0.75
CA THR B 90 -27.32 12.27 0.04
C THR B 90 -26.58 12.86 1.24
N ASN B 91 -27.09 13.95 1.84
CA ASN B 91 -26.37 14.54 2.97
C ASN B 91 -26.07 13.56 4.10
N ARG B 92 -27.06 12.72 4.43
CA ARG B 92 -26.89 11.75 5.50
C ARG B 92 -25.80 10.74 5.20
N GLY B 93 -25.83 10.17 4.00
CA GLY B 93 -24.80 9.20 3.62
C GLY B 93 -23.43 9.84 3.57
N ILE B 94 -23.36 11.05 3.01
CA ILE B 94 -22.10 11.78 2.93
C ILE B 94 -21.55 11.99 4.35
N ALA B 95 -22.42 12.38 5.27
CA ALA B 95 -21.95 12.62 6.65
C ALA B 95 -21.39 11.34 7.27
N GLN B 96 -22.03 10.21 7.01
CA GLN B 96 -21.56 8.94 7.55
C GLN B 96 -20.21 8.57 6.97
N MSE B 97 -20.04 8.80 5.66
CA MSE B 97 -18.77 8.50 5.01
C MSE B 97 -17.69 9.50 5.46
O MSE B 97 -16.50 9.15 5.57
CB MSE B 97 -18.94 8.52 3.48
CG MSE B 97 -19.89 7.42 2.94
SE MSE B 97 -19.24 5.66 3.16
CE MSE B 97 -18.17 5.57 1.67
N LEU B 98 -18.11 10.72 5.76
CA LEU B 98 -17.17 11.73 6.21
C LEU B 98 -16.61 11.33 7.57
N GLU B 99 -17.44 10.76 8.42
CA GLU B 99 -16.97 10.32 9.73
C GLU B 99 -15.92 9.22 9.57
N LYS B 100 -16.21 8.26 8.69
CA LYS B 100 -15.29 7.16 8.44
C LYS B 100 -13.99 7.70 7.89
N TYR B 101 -14.08 8.70 7.02
CA TYR B 101 -12.94 9.36 6.41
C TYR B 101 -12.04 9.96 7.49
N GLN B 102 -12.67 10.65 8.44
CA GLN B 102 -11.95 11.28 9.55
C GLN B 102 -11.25 10.24 10.41
N GLN B 103 -11.78 9.03 10.44
CA GLN B 103 -11.21 7.94 11.22
C GLN B 103 -10.19 7.15 10.39
N GLY B 104 -10.05 7.47 9.12
CA GLY B 104 -9.11 6.76 8.26
C GLY B 104 -9.55 5.36 7.85
N ASP B 105 -10.86 5.11 7.88
CA ASP B 105 -11.39 3.80 7.52
C ASP B 105 -11.02 3.35 6.11
N PHE B 106 -10.79 4.32 5.23
CA PHE B 106 -10.47 3.98 3.85
C PHE B 106 -8.97 3.94 3.58
N GLY B 107 -8.17 4.23 4.60
CA GLY B 107 -6.74 4.23 4.43
C GLY B 107 -6.19 5.60 4.11
N TYR B 108 -4.86 5.71 4.00
CA TYR B 108 -4.19 6.98 3.73
C TYR B 108 -3.35 6.93 2.46
N CYS B 109 -3.16 8.08 1.82
CA CYS B 109 -2.39 8.13 0.58
C CYS B 109 -0.98 7.59 0.77
N PRO B 110 -0.52 6.74 -0.16
CA PRO B 110 0.83 6.18 -0.06
C PRO B 110 1.95 7.12 -0.47
N ARG B 111 1.62 8.21 -1.16
CA ARG B 111 2.63 9.18 -1.60
C ARG B 111 3.28 9.76 -0.36
N VAL B 112 4.60 9.74 -0.33
CA VAL B 112 5.30 10.29 0.83
C VAL B 112 4.89 11.75 1.08
N TYR B 113 4.90 12.55 0.02
CA TYR B 113 4.58 13.96 0.16
C TYR B 113 3.12 14.35 0.34
N CYS B 114 2.25 13.36 0.53
CA CYS B 114 0.85 13.67 0.80
C CYS B 114 0.67 13.55 2.30
N GLU B 115 1.76 13.21 2.98
CA GLU B 115 1.79 13.07 4.43
C GLU B 115 0.57 12.38 5.04
N ASN B 116 0.35 11.15 4.59
CA ASN B 116 -0.74 10.31 5.08
C ASN B 116 -2.14 10.90 5.00
N GLN B 117 -2.38 11.69 3.96
CA GLN B 117 -3.68 12.30 3.71
C GLN B 117 -4.72 11.17 3.61
N PRO B 118 -5.84 11.26 4.36
CA PRO B 118 -6.86 10.20 4.26
C PRO B 118 -7.48 10.20 2.87
N MSE B 119 -7.87 9.02 2.40
CA MSE B 119 -8.48 8.91 1.06
C MSE B 119 -9.96 8.50 1.17
O MSE B 119 -10.45 8.18 2.25
CB MSE B 119 -7.73 7.87 0.20
CG MSE B 119 -6.25 8.18 -0.05
SE MSE B 119 -5.45 7.11 -1.34
CE MSE B 119 -5.45 5.72 -0.56
N LEU B 120 -10.66 8.55 0.04
CA LEU B 120 -12.08 8.17 -0.05
C LEU B 120 -12.24 7.10 -1.12
N PRO B 121 -13.21 6.20 -0.96
CA PRO B 121 -13.41 5.14 -1.97
C PRO B 121 -14.02 5.78 -3.23
N ILE B 122 -13.72 5.22 -4.40
CA ILE B 122 -14.25 5.75 -5.64
C ILE B 122 -14.37 4.62 -6.65
N GLY B 123 -15.36 4.72 -7.53
CA GLY B 123 -15.51 3.70 -8.54
C GLY B 123 -14.94 4.22 -9.85
N LEU B 124 -14.30 3.36 -10.63
CA LEU B 124 -13.77 3.77 -11.93
C LEU B 124 -14.93 3.69 -12.91
N SER B 125 -15.94 2.93 -12.54
CA SER B 125 -17.14 2.74 -13.34
C SER B 125 -18.37 2.64 -12.46
N ASP B 126 -19.53 3.01 -13.02
CA ASP B 126 -20.81 2.92 -12.31
C ASP B 126 -21.57 1.65 -12.70
N ILE B 127 -20.96 0.84 -13.57
CA ILE B 127 -21.56 -0.42 -14.01
C ILE B 127 -20.96 -1.55 -13.19
N PRO B 128 -21.79 -2.33 -12.46
CA PRO B 128 -21.26 -3.44 -11.66
C PRO B 128 -20.55 -4.44 -12.56
N GLY B 129 -19.49 -5.04 -12.04
CA GLY B 129 -18.74 -6.03 -12.78
C GLY B 129 -17.64 -5.49 -13.68
N GLU B 130 -17.39 -4.18 -13.65
CA GLU B 130 -16.34 -3.63 -14.50
C GLU B 130 -15.03 -3.35 -13.77
N ALA B 131 -15.09 -2.92 -12.52
CA ALA B 131 -13.86 -2.62 -11.79
C ALA B 131 -14.07 -2.65 -10.30
N MSE B 132 -13.03 -3.07 -9.58
CA MSE B 132 -13.13 -3.11 -8.14
C MSE B 132 -12.84 -1.72 -7.57
O MSE B 132 -12.18 -0.88 -8.20
CB MSE B 132 -12.17 -4.19 -7.59
CG MSE B 132 -12.53 -5.60 -8.13
SE MSE B 132 -14.18 -6.22 -7.69
CE MSE B 132 -15.19 -5.83 -9.23
N VAL B 133 -13.30 -1.48 -6.35
CA VAL B 133 -13.14 -0.16 -5.72
C VAL B 133 -11.70 0.34 -5.60
N LYS B 134 -11.51 1.61 -5.93
CA LYS B 134 -10.21 2.26 -5.83
C LYS B 134 -10.29 3.35 -4.77
N LEU B 135 -9.18 4.02 -4.52
CA LEU B 135 -9.14 5.06 -3.50
C LEU B 135 -8.63 6.36 -4.08
N TYR B 136 -9.31 7.44 -3.72
CA TYR B 136 -8.99 8.76 -4.23
C TYR B 136 -8.38 9.62 -3.15
N CYS B 137 -7.25 10.24 -3.46
CA CYS B 137 -6.59 11.14 -2.50
C CYS B 137 -6.85 12.57 -2.96
N PRO B 138 -7.51 13.39 -2.12
CA PRO B 138 -7.78 14.78 -2.49
C PRO B 138 -6.57 15.69 -2.55
N LYS B 139 -5.43 15.22 -2.03
CA LYS B 139 -4.23 16.07 -2.05
C LYS B 139 -3.52 16.00 -3.38
N CYS B 140 -3.15 14.79 -3.82
CA CYS B 140 -2.48 14.62 -5.11
C CYS B 140 -3.49 14.44 -6.24
N MSE B 141 -4.76 14.27 -5.86
CA MSE B 141 -5.87 14.09 -6.80
C MSE B 141 -5.73 12.85 -7.69
O MSE B 141 -6.22 12.83 -8.83
CB MSE B 141 -6.05 15.36 -7.65
CG MSE B 141 -6.23 16.62 -6.79
SE MSE B 141 -6.58 18.16 -7.73
CE MSE B 141 -8.35 18.23 -7.58
N ASP B 142 -5.06 11.81 -7.19
CA ASP B 142 -4.91 10.60 -7.98
C ASP B 142 -5.67 9.45 -7.36
N VAL B 143 -5.78 8.36 -8.12
CA VAL B 143 -6.50 7.18 -7.68
C VAL B 143 -5.58 5.99 -7.48
N TYR B 144 -5.80 5.26 -6.39
CA TYR B 144 -4.96 4.12 -6.04
C TYR B 144 -5.64 2.79 -5.78
N THR B 145 -4.87 1.72 -5.91
CA THR B 145 -5.38 0.39 -5.63
C THR B 145 -5.23 0.17 -4.14
N PRO B 146 -6.28 -0.31 -3.46
CA PRO B 146 -6.21 -0.54 -2.01
C PRO B 146 -5.00 -1.42 -1.67
N LYS B 147 -4.29 -1.09 -0.59
CA LYS B 147 -3.11 -1.85 -0.21
C LYS B 147 -3.44 -3.26 0.26
N SER B 148 -4.64 -3.45 0.78
CA SER B 148 -5.06 -4.74 1.31
C SER B 148 -5.90 -5.57 0.35
N SER B 149 -5.50 -6.82 0.13
CA SER B 149 -6.24 -7.69 -0.77
C SER B 149 -7.68 -7.97 -0.30
N ARG B 150 -7.96 -7.72 0.98
CA ARG B 150 -9.31 -7.96 1.49
C ARG B 150 -10.34 -7.07 0.79
N HIS B 151 -9.86 -6.01 0.14
CA HIS B 151 -10.75 -5.08 -0.53
C HIS B 151 -10.76 -5.25 -2.04
N HIS B 152 -9.99 -6.22 -2.53
CA HIS B 152 -9.90 -6.43 -3.95
C HIS B 152 -11.06 -7.13 -4.65
N HIS B 153 -12.14 -7.40 -3.92
CA HIS B 153 -13.30 -8.05 -4.50
C HIS B 153 -14.57 -7.25 -4.22
N THR B 154 -14.37 -5.99 -3.86
CA THR B 154 -15.47 -5.07 -3.54
C THR B 154 -15.70 -4.22 -4.79
N ASP B 155 -16.89 -4.32 -5.38
CA ASP B 155 -17.19 -3.61 -6.62
C ASP B 155 -17.22 -2.08 -6.48
N GLY B 156 -16.50 -1.38 -7.34
CA GLY B 156 -16.46 0.07 -7.28
C GLY B 156 -17.79 0.74 -7.60
N ALA B 157 -18.67 0.03 -8.29
CA ALA B 157 -19.98 0.59 -8.66
C ALA B 157 -20.85 0.84 -7.43
N TYR B 158 -20.46 0.24 -6.31
CA TYR B 158 -21.20 0.41 -5.06
C TYR B 158 -20.77 1.69 -4.34
N PHE B 159 -19.80 2.38 -4.90
CA PHE B 159 -19.33 3.65 -4.34
C PHE B 159 -19.57 4.74 -5.38
N GLY B 160 -19.27 4.40 -6.62
CA GLY B 160 -19.55 5.35 -7.69
C GLY B 160 -18.46 6.27 -8.13
N THR B 161 -18.63 6.67 -9.38
CA THR B 161 -17.75 7.54 -10.08
C THR B 161 -17.75 8.98 -9.53
N GLY B 162 -18.87 9.41 -8.96
CA GLY B 162 -18.95 10.77 -8.47
C GLY B 162 -19.03 11.01 -6.97
N PHE B 163 -18.77 9.98 -6.16
CA PHE B 163 -18.88 10.15 -4.73
C PHE B 163 -17.91 11.16 -4.12
N PRO B 164 -16.60 11.00 -4.37
CA PRO B 164 -15.69 11.98 -3.77
C PRO B 164 -16.02 13.40 -4.20
N HIS B 165 -16.35 13.59 -5.48
CA HIS B 165 -16.67 14.92 -5.96
C HIS B 165 -17.84 15.47 -5.16
N MSE B 166 -18.86 14.64 -4.92
CA MSE B 166 -20.02 15.10 -4.18
C MSE B 166 -19.69 15.42 -2.73
O MSE B 166 -20.16 16.41 -2.18
CB MSE B 166 -21.16 14.08 -4.24
CG MSE B 166 -22.38 14.47 -3.40
SE MSE B 166 -23.24 16.01 -4.01
CE MSE B 166 -24.38 15.28 -5.10
N LEU B 167 -18.87 14.58 -2.09
CA LEU B 167 -18.55 14.84 -0.70
C LEU B 167 -17.85 16.19 -0.55
N PHE B 168 -16.88 16.46 -1.42
CA PHE B 168 -16.15 17.72 -1.31
C PHE B 168 -16.95 18.92 -1.81
N MSE B 169 -18.03 18.68 -2.54
CA MSE B 169 -18.85 19.80 -2.98
C MSE B 169 -19.67 20.27 -1.78
O MSE B 169 -19.95 21.46 -1.61
CB MSE B 169 -19.78 19.37 -4.13
CG MSE B 169 -20.20 20.54 -4.97
SE MSE B 169 -20.99 20.02 -6.51
CE MSE B 169 -22.31 19.35 -5.88
N VAL B 170 -20.06 19.32 -0.93
CA VAL B 170 -20.82 19.66 0.26
C VAL B 170 -19.92 20.09 1.42
N HIS B 171 -18.72 19.52 1.50
CA HIS B 171 -17.78 19.82 2.60
C HIS B 171 -16.44 20.23 2.01
N PRO B 172 -16.40 21.40 1.36
CA PRO B 172 -15.19 21.92 0.74
C PRO B 172 -14.03 22.16 1.67
N GLU B 173 -14.33 22.37 2.96
CA GLU B 173 -13.31 22.63 3.97
C GLU B 173 -12.32 21.49 4.07
N TYR B 174 -12.72 20.30 3.63
CA TYR B 174 -11.84 19.13 3.71
C TYR B 174 -10.91 18.95 2.55
N ARG B 175 -11.05 19.77 1.52
CA ARG B 175 -10.15 19.68 0.37
C ARG B 175 -8.84 20.37 0.71
N PRO B 176 -7.71 19.68 0.50
CA PRO B 176 -6.39 20.24 0.77
C PRO B 176 -6.10 21.37 -0.21
ZN ZN C . 3.78 4.97 -10.42
MG MG D . 35.78 -14.70 -1.98
ZN ZN E . -2.03 11.73 -2.30
#